data_3VRQ
#
_entry.id   3VRQ
#
_cell.length_a   62.600
_cell.length_b   66.211
_cell.length_c   81.558
_cell.angle_alpha   90.000
_cell.angle_beta   106.020
_cell.angle_gamma   90.000
#
_symmetry.space_group_name_H-M   'P 1 21 1'
#
loop_
_entity.id
_entity.type
_entity.pdbx_description
1 polymer 'Signal transduction protein CBL-C'
2 non-polymer 'CALCIUM ION'
3 water water
#
_entity_poly.entity_id   1
_entity_poly.type   'polypeptide(L)'
_entity_poly.pdbx_seq_one_letter_code
;GPLGSPEFMALAVAPWGRQWEEARALGRAVRMLQRLEEQCVDPRLSVSPPSLRDLLPRTAQLLREVAHSRRAAGGGGPGG
PGGSGDFLLIYLANLEAKSRQVAALLPPRGRRSANDELFRAGSRLRRQLAKLAIIFSHMHAELHALFPGGKYCGHMYQLT
KAPAHTFWRESCGARCVLPWAEFESLLGTCHPVEPGCTALALRTTIDLTCSGHVSIFEFDVFTRLFQPWPTLLKNWQLLA
VNHPGYMAFLTYDEVQERLQACRDKPGSYIFRLSCTRLGQWAIGYVSSDGSILQTIPANKPLSQVLLEGQKDGFYLYPDG
KTHNPDLTELG
;
_entity_poly.pdbx_strand_id   A,B
#
# COMPACT_ATOMS: atom_id res chain seq x y z
N GLN A 19 24.15 -25.19 5.76
CA GLN A 19 25.07 -26.25 5.28
C GLN A 19 24.42 -27.60 5.57
N TRP A 20 24.45 -27.99 6.85
CA TRP A 20 23.59 -29.04 7.37
C TRP A 20 22.34 -28.43 8.02
N GLU A 21 22.41 -27.14 8.35
CA GLU A 21 21.26 -26.39 8.85
C GLU A 21 20.20 -26.34 7.75
N GLU A 22 20.66 -26.13 6.53
CA GLU A 22 19.84 -26.09 5.33
C GLU A 22 19.14 -27.43 5.05
N ALA A 23 19.90 -28.51 5.06
CA ALA A 23 19.35 -29.86 4.89
C ALA A 23 18.25 -30.17 5.90
N ARG A 24 18.51 -29.86 7.16
CA ARG A 24 17.52 -30.03 8.22
C ARG A 24 16.25 -29.18 7.99
N ALA A 25 16.42 -27.92 7.60
CA ALA A 25 15.25 -27.05 7.35
C ALA A 25 14.46 -27.49 6.11
N LEU A 26 15.16 -28.03 5.12
CA LEU A 26 14.52 -28.63 3.97
C LEU A 26 13.65 -29.83 4.38
N GLY A 27 14.19 -30.70 5.23
CA GLY A 27 13.47 -31.83 5.84
C GLY A 27 12.23 -31.42 6.59
N ARG A 28 12.36 -30.46 7.51
CA ARG A 28 11.18 -29.94 8.22
C ARG A 28 10.09 -29.43 7.26
N ALA A 29 10.48 -28.62 6.28
CA ALA A 29 9.55 -28.08 5.27
C ALA A 29 8.71 -29.14 4.55
N VAL A 30 9.34 -30.21 4.07
CA VAL A 30 8.60 -31.24 3.32
C VAL A 30 7.61 -31.99 4.21
N ARG A 31 8.04 -32.36 5.42
CA ARG A 31 7.16 -33.03 6.37
C ARG A 31 6.00 -32.10 6.76
N MET A 32 6.32 -30.81 6.91
CA MET A 32 5.29 -29.80 7.13
C MET A 32 4.27 -29.71 5.98
N LEU A 33 4.74 -29.83 4.73
CA LEU A 33 3.82 -29.78 3.59
C LEU A 33 2.95 -31.03 3.48
N GLN A 34 3.54 -32.21 3.69
CA GLN A 34 2.78 -33.47 3.69
C GLN A 34 1.65 -33.44 4.70
N ARG A 35 1.96 -32.89 5.87
CA ARG A 35 1.03 -32.71 6.96
C ARG A 35 -0.08 -31.74 6.58
N LEU A 36 0.28 -30.65 5.91
CA LEU A 36 -0.71 -29.65 5.53
C LEU A 36 -1.63 -30.22 4.46
N GLU A 37 -1.08 -31.13 3.65
CA GLU A 37 -1.84 -31.79 2.60
C GLU A 37 -2.94 -32.68 3.21
N GLU A 38 -2.59 -33.47 4.23
CA GLU A 38 -3.57 -34.32 4.96
C GLU A 38 -4.73 -33.47 5.42
N GLN A 39 -4.42 -32.27 5.91
CA GLN A 39 -5.40 -31.36 6.50
C GLN A 39 -6.30 -30.68 5.47
N CYS A 40 -6.07 -30.92 4.18
CA CYS A 40 -6.92 -30.37 3.12
C CYS A 40 -7.91 -31.41 2.62
N PRO A 49 -9.07 -24.20 -8.88
CA PRO A 49 -7.74 -23.61 -9.09
C PRO A 49 -7.67 -22.11 -8.77
N PRO A 50 -6.49 -21.63 -8.31
CA PRO A 50 -5.33 -22.47 -7.94
C PRO A 50 -5.63 -23.26 -6.66
N SER A 51 -5.36 -24.55 -6.68
CA SER A 51 -5.75 -25.42 -5.57
C SER A 51 -4.56 -25.87 -4.73
N LEU A 52 -4.72 -25.81 -3.41
CA LEU A 52 -3.70 -26.26 -2.46
C LEU A 52 -3.43 -27.75 -2.56
N ARG A 53 -4.46 -28.51 -2.94
CA ARG A 53 -4.38 -29.96 -3.14
C ARG A 53 -3.45 -30.33 -4.31
N ASP A 54 -3.38 -29.45 -5.32
CA ASP A 54 -2.44 -29.64 -6.41
C ASP A 54 -1.05 -29.01 -6.07
N LEU A 55 -1.02 -27.86 -5.41
CA LEU A 55 0.23 -27.14 -5.12
C LEU A 55 1.11 -27.74 -4.02
N LEU A 56 0.52 -28.09 -2.89
CA LEU A 56 1.22 -28.70 -1.77
C LEU A 56 2.15 -29.85 -2.15
N PRO A 57 1.65 -30.88 -2.88
CA PRO A 57 2.59 -31.98 -3.15
C PRO A 57 3.60 -31.65 -4.24
N ARG A 58 3.24 -30.77 -5.16
CA ARG A 58 4.20 -30.30 -6.17
C ARG A 58 5.38 -29.55 -5.52
N THR A 59 5.08 -28.73 -4.51
CA THR A 59 6.09 -27.97 -3.79
C THR A 59 6.96 -28.87 -2.92
N ALA A 60 6.32 -29.84 -2.24
CA ALA A 60 7.03 -30.86 -1.48
C ALA A 60 7.95 -31.65 -2.37
N GLN A 61 7.49 -32.08 -3.53
CA GLN A 61 8.39 -32.78 -4.47
C GLN A 61 9.59 -31.94 -4.95
N LEU A 62 9.33 -30.67 -5.30
CA LEU A 62 10.42 -29.78 -5.72
C LEU A 62 11.45 -29.58 -4.60
N LEU A 63 10.98 -29.41 -3.37
CA LEU A 63 11.87 -29.33 -2.21
C LEU A 63 12.76 -30.58 -1.96
N ARG A 64 12.23 -31.79 -2.21
CA ARG A 64 13.05 -33.00 -2.13
C ARG A 64 14.10 -32.99 -3.22
N GLU A 65 13.72 -32.64 -4.45
CA GLU A 65 14.71 -32.44 -5.51
C GLU A 65 15.78 -31.38 -5.17
N VAL A 66 15.37 -30.27 -4.57
CA VAL A 66 16.30 -29.26 -4.10
C VAL A 66 17.22 -29.86 -3.02
N ALA A 67 16.62 -30.53 -2.03
CA ALA A 67 17.37 -31.17 -0.93
C ALA A 67 18.41 -32.13 -1.46
N HIS A 68 18.01 -32.89 -2.49
CA HIS A 68 18.85 -33.90 -3.08
C HIS A 68 20.00 -33.30 -3.84
N SER A 69 19.71 -32.30 -4.65
CA SER A 69 20.73 -31.66 -5.48
C SER A 69 21.77 -30.89 -4.66
N ARG A 70 21.41 -30.45 -3.46
CA ARG A 70 22.36 -29.73 -2.64
C ARG A 70 23.39 -30.67 -2.04
N PRO A 78 26.34 -22.66 -1.26
CA PRO A 78 25.86 -21.69 -0.28
C PRO A 78 25.82 -20.25 -0.83
N GLY A 79 26.84 -19.88 -1.61
CA GLY A 79 26.97 -18.52 -2.16
C GLY A 79 27.23 -17.45 -1.11
N GLY A 80 27.22 -16.19 -1.54
CA GLY A 80 27.45 -15.07 -0.64
C GLY A 80 26.13 -14.65 -0.03
N PRO A 81 26.11 -13.49 0.65
CA PRO A 81 24.79 -12.98 1.08
C PRO A 81 23.88 -12.85 -0.14
N GLY A 82 22.60 -13.14 0.06
CA GLY A 82 21.62 -13.09 -1.02
C GLY A 82 21.82 -14.17 -2.06
N GLY A 83 22.70 -15.11 -1.74
CA GLY A 83 22.90 -16.31 -2.55
C GLY A 83 21.87 -17.40 -2.29
N SER A 84 22.10 -18.57 -2.85
CA SER A 84 21.17 -19.69 -2.78
C SER A 84 20.80 -20.06 -1.34
N GLY A 85 21.80 -20.05 -0.45
CA GLY A 85 21.62 -20.34 0.96
C GLY A 85 20.72 -19.37 1.68
N ASP A 86 21.01 -18.08 1.58
CA ASP A 86 20.16 -17.06 2.19
C ASP A 86 18.75 -17.11 1.62
N PHE A 87 18.66 -17.33 0.31
CA PHE A 87 17.38 -17.48 -0.33
C PHE A 87 16.59 -18.64 0.32
N LEU A 88 17.21 -19.80 0.43
CA LEU A 88 16.52 -20.97 1.01
C LEU A 88 16.03 -20.70 2.42
N LEU A 89 16.88 -20.06 3.20
CA LEU A 89 16.53 -19.69 4.56
C LEU A 89 15.31 -18.78 4.65
N ILE A 90 15.28 -17.72 3.84
CA ILE A 90 14.14 -16.80 3.83
C ILE A 90 12.91 -17.54 3.27
N TYR A 91 13.11 -18.32 2.22
CA TYR A 91 12.02 -19.00 1.59
C TYR A 91 11.34 -19.94 2.59
N LEU A 92 12.12 -20.83 3.19
CA LEU A 92 11.61 -21.76 4.22
C LEU A 92 10.95 -21.11 5.42
N ALA A 93 11.53 -20.05 5.99
CA ALA A 93 10.80 -19.31 7.03
C ALA A 93 9.43 -18.81 6.51
N ASN A 94 9.40 -18.22 5.31
CA ASN A 94 8.15 -17.69 4.78
C ASN A 94 7.11 -18.78 4.48
N LEU A 95 7.57 -19.87 3.90
CA LEU A 95 6.74 -21.05 3.69
C LEU A 95 6.12 -21.56 5.04
N GLU A 96 6.94 -21.58 6.10
CA GLU A 96 6.49 -21.90 7.44
C GLU A 96 5.40 -20.96 7.90
N ALA A 97 5.68 -19.66 7.88
CA ALA A 97 4.69 -18.67 8.32
C ALA A 97 3.34 -18.80 7.60
N LYS A 98 3.37 -18.98 6.29
CA LYS A 98 2.15 -19.05 5.49
C LYS A 98 1.42 -20.37 5.72
N SER A 99 2.19 -21.44 5.98
CA SER A 99 1.63 -22.74 6.34
C SER A 99 0.83 -22.71 7.65
N ARG A 100 1.32 -21.95 8.65
CA ARG A 100 0.57 -21.72 9.88
C ARG A 100 -0.72 -20.94 9.65
N GLN A 101 -0.68 -19.98 8.72
CA GLN A 101 -1.88 -19.23 8.41
C GLN A 101 -2.95 -20.13 7.82
N VAL A 102 -2.59 -21.07 6.95
CA VAL A 102 -3.55 -21.95 6.29
C VAL A 102 -4.13 -22.91 7.32
N ALA A 103 -3.26 -23.43 8.20
CA ALA A 103 -3.61 -24.42 9.20
C ALA A 103 -4.64 -23.89 10.19
N ALA A 104 -4.51 -22.62 10.55
CA ALA A 104 -5.45 -21.97 11.46
C ALA A 104 -6.71 -21.49 10.73
N LEU A 105 -7.19 -22.28 9.77
CA LEU A 105 -8.39 -21.94 8.99
C LEU A 105 -9.18 -23.20 8.60
N SER A 123 -17.67 -16.03 0.61
CA SER A 123 -17.33 -16.10 2.04
C SER A 123 -16.04 -15.33 2.37
N ARG A 124 -15.67 -15.31 3.64
CA ARG A 124 -14.49 -14.56 4.07
C ARG A 124 -13.40 -15.47 4.65
N LEU A 125 -13.80 -16.67 5.05
CA LEU A 125 -12.86 -17.74 5.25
C LEU A 125 -12.34 -18.15 3.88
N ARG A 126 -13.24 -18.26 2.91
CA ARG A 126 -12.83 -18.68 1.58
C ARG A 126 -12.11 -17.53 0.85
N ARG A 127 -12.40 -16.29 1.27
CA ARG A 127 -11.72 -15.13 0.70
C ARG A 127 -10.24 -15.14 1.10
N GLN A 128 -9.96 -15.61 2.30
CA GLN A 128 -8.61 -15.67 2.81
C GLN A 128 -7.86 -16.97 2.46
N LEU A 129 -8.59 -18.04 2.19
CA LEU A 129 -7.96 -19.27 1.70
C LEU A 129 -7.52 -19.13 0.25
N ALA A 130 -8.35 -18.44 -0.55
CA ALA A 130 -8.09 -18.19 -1.96
C ALA A 130 -6.82 -17.38 -2.09
N LYS A 131 -6.65 -16.42 -1.19
CA LYS A 131 -5.52 -15.52 -1.19
C LYS A 131 -4.25 -16.22 -0.80
N LEU A 132 -4.32 -17.03 0.26
CA LEU A 132 -3.22 -17.93 0.62
C LEU A 132 -2.86 -18.91 -0.49
N ALA A 133 -3.86 -19.36 -1.24
CA ALA A 133 -3.64 -20.33 -2.32
C ALA A 133 -2.85 -19.69 -3.47
N ILE A 134 -3.14 -18.43 -3.78
CA ILE A 134 -2.39 -17.68 -4.76
C ILE A 134 -0.91 -17.48 -4.30
N ILE A 135 -0.74 -17.19 -3.01
CA ILE A 135 0.56 -16.99 -2.44
C ILE A 135 1.41 -18.26 -2.51
N PHE A 136 0.84 -19.42 -2.17
CA PHE A 136 1.50 -20.72 -2.39
C PHE A 136 1.81 -21.00 -3.86
N SER A 137 0.89 -20.63 -4.75
CA SER A 137 1.22 -20.75 -6.17
C SER A 137 2.47 -19.90 -6.51
N HIS A 138 2.49 -18.67 -6.00
CA HIS A 138 3.63 -17.80 -6.23
C HIS A 138 4.95 -18.35 -5.68
N MET A 139 4.89 -18.98 -4.48
CA MET A 139 6.06 -19.56 -3.85
C MET A 139 6.52 -20.79 -4.59
N HIS A 140 5.59 -21.59 -5.09
CA HIS A 140 6.00 -22.68 -5.94
C HIS A 140 6.68 -22.18 -7.23
N ALA A 141 6.11 -21.14 -7.86
CA ALA A 141 6.74 -20.64 -9.12
C ALA A 141 8.15 -20.06 -8.91
N GLU A 142 8.32 -19.30 -7.83
CA GLU A 142 9.62 -18.74 -7.49
C GLU A 142 10.67 -19.85 -7.24
N LEU A 143 10.32 -20.84 -6.41
CA LEU A 143 11.18 -22.02 -6.24
C LEU A 143 11.51 -22.65 -7.58
N HIS A 144 10.49 -22.91 -8.39
CA HIS A 144 10.72 -23.50 -9.73
C HIS A 144 11.64 -22.69 -10.68
N ALA A 145 11.51 -21.36 -10.64
CA ALA A 145 12.38 -20.55 -11.47
C ALA A 145 13.85 -20.49 -11.00
N LEU A 146 14.10 -20.52 -9.70
CA LEU A 146 15.47 -20.42 -9.19
C LEU A 146 16.15 -21.78 -8.97
N PHE A 147 15.37 -22.85 -8.87
CA PHE A 147 15.92 -24.20 -8.70
C PHE A 147 15.27 -25.17 -9.68
N PRO A 148 15.40 -24.89 -10.99
CA PRO A 148 14.81 -25.82 -11.97
C PRO A 148 15.46 -27.19 -11.84
N GLY A 149 14.64 -28.17 -11.52
CA GLY A 149 15.10 -29.54 -11.32
C GLY A 149 15.88 -29.73 -10.04
N GLY A 150 15.64 -28.85 -9.04
CA GLY A 150 16.43 -28.86 -7.82
C GLY A 150 17.75 -28.08 -7.91
N LYS A 151 18.16 -27.67 -9.08
CA LYS A 151 19.48 -27.03 -9.21
C LYS A 151 19.49 -25.48 -9.29
N TYR A 152 20.10 -24.84 -8.29
CA TYR A 152 20.18 -23.38 -8.21
C TYR A 152 20.77 -22.74 -9.47
N CYS A 153 20.01 -21.81 -10.05
CA CYS A 153 20.44 -21.04 -11.21
C CYS A 153 20.38 -19.52 -10.97
N GLY A 154 20.24 -19.10 -9.73
CA GLY A 154 20.09 -17.68 -9.41
C GLY A 154 21.26 -16.77 -9.80
N HIS A 155 22.45 -17.35 -9.85
CA HIS A 155 23.69 -16.60 -10.11
C HIS A 155 23.80 -16.33 -11.60
N MET A 156 23.08 -17.08 -12.40
CA MET A 156 23.15 -16.84 -13.83
C MET A 156 21.80 -16.62 -14.47
N TYR A 157 20.76 -16.62 -13.65
CA TYR A 157 19.45 -16.30 -14.10
C TYR A 157 19.45 -15.03 -14.99
N GLN A 158 18.69 -15.10 -16.07
CA GLN A 158 18.67 -14.04 -17.06
C GLN A 158 17.31 -13.33 -17.13
N LEU A 159 17.29 -12.03 -16.83
CA LEU A 159 16.02 -11.31 -16.83
C LEU A 159 15.54 -11.15 -18.26
N THR A 160 14.23 -11.16 -18.46
CA THR A 160 13.69 -11.12 -19.82
C THR A 160 13.93 -9.76 -20.48
N LYS A 161 13.78 -8.68 -19.73
CA LYS A 161 14.03 -7.37 -20.28
C LYS A 161 15.48 -6.95 -20.01
N ALA A 162 16.19 -6.67 -21.09
CA ALA A 162 17.65 -6.34 -21.01
C ALA A 162 18.02 -5.23 -20.00
N PRO A 163 17.24 -4.13 -19.95
CA PRO A 163 17.58 -3.07 -18.97
C PRO A 163 17.31 -3.48 -17.53
N ALA A 164 16.29 -4.30 -17.35
CA ALA A 164 16.02 -4.82 -15.99
C ALA A 164 17.14 -5.73 -15.57
N HIS A 165 17.61 -6.58 -16.50
CA HIS A 165 18.76 -7.45 -16.28
C HIS A 165 19.98 -6.69 -15.79
N THR A 166 20.34 -5.69 -16.58
CA THR A 166 21.47 -4.83 -16.28
C THR A 166 21.30 -4.11 -14.95
N PHE A 167 20.13 -3.53 -14.72
CA PHE A 167 19.90 -2.92 -13.42
C PHE A 167 20.18 -3.89 -12.24
N TRP A 168 19.65 -5.12 -12.32
CA TRP A 168 19.76 -6.07 -11.22
C TRP A 168 21.20 -6.53 -10.98
N ARG A 169 21.91 -6.87 -12.04
CA ARG A 169 23.25 -7.42 -11.92
C ARG A 169 24.29 -6.37 -11.50
N GLU A 170 24.13 -5.14 -12.01
CA GLU A 170 24.91 -4.00 -11.55
C GLU A 170 24.59 -3.53 -10.12
N SER A 171 23.36 -3.72 -9.65
CA SER A 171 23.02 -3.27 -8.29
C SER A 171 23.23 -4.33 -7.22
N CYS A 172 22.98 -5.60 -7.57
CA CYS A 172 23.00 -6.73 -6.63
C CYS A 172 24.08 -7.76 -6.94
N GLY A 173 24.72 -7.67 -8.11
CA GLY A 173 25.68 -8.70 -8.48
C GLY A 173 25.04 -10.07 -8.55
N ALA A 174 25.68 -11.05 -7.90
CA ALA A 174 25.25 -12.46 -7.97
C ALA A 174 24.00 -12.80 -7.16
N ARG A 175 23.61 -11.94 -6.24
CA ARG A 175 22.41 -12.11 -5.40
C ARG A 175 21.08 -12.37 -6.15
N CYS A 176 20.35 -13.39 -5.68
CA CYS A 176 19.05 -13.70 -6.25
C CYS A 176 17.91 -13.14 -5.40
N VAL A 177 18.23 -12.60 -4.22
CA VAL A 177 17.24 -12.06 -3.31
C VAL A 177 17.78 -10.89 -2.46
N LEU A 178 16.91 -9.98 -2.08
CA LEU A 178 17.23 -8.71 -1.39
C LEU A 178 16.04 -8.34 -0.48
N PRO A 179 16.29 -7.80 0.74
CA PRO A 179 15.17 -7.32 1.60
C PRO A 179 14.49 -6.14 0.96
N TRP A 180 13.21 -5.97 1.23
CA TRP A 180 12.48 -4.88 0.62
C TRP A 180 13.21 -3.50 0.70
N ALA A 181 13.65 -3.11 1.90
CA ALA A 181 14.25 -1.78 2.16
C ALA A 181 15.43 -1.45 1.25
N GLU A 182 16.33 -2.41 1.09
CA GLU A 182 17.44 -2.28 0.15
C GLU A 182 16.98 -2.23 -1.29
N PHE A 183 16.07 -3.13 -1.67
CA PHE A 183 15.51 -3.13 -3.02
C PHE A 183 14.86 -1.78 -3.35
N GLU A 184 13.94 -1.34 -2.50
CA GLU A 184 13.26 -0.06 -2.67
C GLU A 184 14.29 1.07 -2.85
N SER A 185 15.31 1.10 -1.99
CA SER A 185 16.34 2.12 -2.09
C SER A 185 17.15 2.05 -3.41
N LEU A 186 17.58 0.85 -3.81
CA LEU A 186 18.27 0.69 -5.08
C LEU A 186 17.42 1.08 -6.29
N LEU A 187 16.14 0.70 -6.25
CA LEU A 187 15.23 1.04 -7.34
C LEU A 187 15.11 2.56 -7.45
N GLY A 188 15.01 3.20 -6.28
CA GLY A 188 14.80 4.64 -6.17
C GLY A 188 15.87 5.51 -6.76
N THR A 189 17.06 4.94 -6.99
CA THR A 189 18.15 5.64 -7.67
C THR A 189 17.90 5.74 -9.17
N CYS A 190 16.88 5.04 -9.64
CA CYS A 190 16.61 4.92 -11.06
C CYS A 190 15.18 5.29 -11.39
N HIS A 191 14.27 4.93 -10.51
CA HIS A 191 12.89 5.31 -10.62
C HIS A 191 12.45 5.80 -9.24
N PRO A 192 12.25 7.12 -9.09
CA PRO A 192 11.74 7.71 -7.84
C PRO A 192 10.52 6.97 -7.27
N VAL A 193 10.68 6.36 -6.11
CA VAL A 193 9.54 5.79 -5.39
C VAL A 193 9.11 6.73 -4.24
N GLU A 194 7.87 7.19 -4.28
CA GLU A 194 7.40 8.09 -3.23
C GLU A 194 7.19 7.37 -1.91
N PRO A 195 7.76 7.90 -0.83
CA PRO A 195 7.54 7.28 0.47
C PRO A 195 6.07 7.36 0.85
N GLY A 196 5.65 6.49 1.75
CA GLY A 196 4.24 6.47 2.13
C GLY A 196 3.49 5.32 1.50
N CYS A 197 2.24 5.57 1.13
CA CYS A 197 1.35 4.50 0.67
C CYS A 197 1.64 3.89 -0.72
N THR A 198 2.14 4.69 -1.67
CA THR A 198 2.65 4.21 -2.95
C THR A 198 3.52 2.96 -2.78
N ALA A 199 4.54 3.06 -1.93
CA ALA A 199 5.39 1.94 -1.52
C ALA A 199 4.65 0.68 -1.04
N LEU A 200 3.58 0.83 -0.26
CA LEU A 200 2.79 -0.35 0.12
C LEU A 200 2.14 -1.06 -1.06
N ALA A 201 1.57 -0.26 -1.98
CA ALA A 201 0.93 -0.81 -3.15
C ALA A 201 2.01 -1.47 -4.06
N LEU A 202 3.21 -0.89 -4.06
CA LEU A 202 4.29 -1.41 -4.87
C LEU A 202 4.84 -2.77 -4.34
N ARG A 203 4.96 -2.89 -3.02
CA ARG A 203 5.27 -4.15 -2.36
C ARG A 203 4.32 -5.26 -2.69
N THR A 204 3.03 -4.95 -2.63
CA THR A 204 1.95 -5.87 -2.98
C THR A 204 2.05 -6.32 -4.42
N THR A 205 2.39 -5.39 -5.33
CA THR A 205 2.55 -5.76 -6.72
C THR A 205 3.74 -6.68 -6.93
N ILE A 206 4.88 -6.35 -6.31
CA ILE A 206 6.19 -6.97 -6.56
C ILE A 206 6.54 -8.20 -5.71
N ASP A 207 6.38 -8.08 -4.40
CA ASP A 207 6.62 -9.15 -3.44
C ASP A 207 5.47 -10.18 -3.48
N LEU A 208 5.44 -10.99 -4.52
CA LEU A 208 4.39 -11.99 -4.73
C LEU A 208 4.27 -12.97 -3.58
N THR A 209 5.40 -13.43 -3.06
CA THR A 209 5.42 -14.40 -1.99
C THR A 209 5.16 -13.80 -0.58
N CYS A 210 5.04 -12.47 -0.50
CA CYS A 210 4.78 -11.77 0.77
C CYS A 210 5.79 -12.15 1.85
N SER A 211 7.06 -12.16 1.49
CA SER A 211 8.10 -12.49 2.41
C SER A 211 8.84 -11.26 2.95
N GLY A 212 8.51 -10.06 2.47
CA GLY A 212 9.37 -8.88 2.74
C GLY A 212 10.72 -8.86 2.00
N HIS A 213 10.93 -9.79 1.06
CA HIS A 213 12.14 -9.79 0.23
C HIS A 213 11.75 -9.85 -1.25
N VAL A 214 12.57 -9.22 -2.10
CA VAL A 214 12.33 -9.25 -3.52
C VAL A 214 13.39 -10.16 -4.11
N SER A 215 12.94 -11.18 -4.84
CA SER A 215 13.91 -12.03 -5.55
C SER A 215 14.02 -11.56 -7.00
N ILE A 216 15.03 -12.08 -7.68
CA ILE A 216 15.34 -11.75 -9.03
C ILE A 216 14.19 -12.21 -9.97
N PHE A 217 13.56 -13.32 -9.60
CA PHE A 217 12.36 -13.79 -10.24
C PHE A 217 11.20 -12.79 -10.16
N GLU A 218 10.86 -12.32 -8.97
CA GLU A 218 9.81 -11.28 -8.78
C GLU A 218 10.11 -9.99 -9.52
N PHE A 219 11.39 -9.61 -9.57
CA PHE A 219 11.80 -8.43 -10.32
C PHE A 219 11.63 -8.63 -11.79
N ASP A 220 11.86 -9.87 -12.25
CA ASP A 220 11.69 -10.26 -13.65
C ASP A 220 10.21 -10.16 -14.01
N VAL A 221 9.35 -10.70 -13.17
CA VAL A 221 7.91 -10.65 -13.38
C VAL A 221 7.39 -9.19 -13.48
N PHE A 222 7.72 -8.42 -12.47
CA PHE A 222 7.36 -7.04 -12.47
C PHE A 222 7.83 -6.21 -13.70
N THR A 223 9.09 -6.31 -14.10
CA THR A 223 9.61 -5.56 -15.26
C THR A 223 9.06 -6.02 -16.61
N ARG A 224 8.71 -7.30 -16.73
CA ARG A 224 7.96 -7.74 -17.90
C ARG A 224 6.58 -7.11 -17.94
N LEU A 225 5.82 -7.17 -16.85
CA LEU A 225 4.45 -6.66 -16.87
C LEU A 225 4.40 -5.17 -17.16
N PHE A 226 5.35 -4.41 -16.60
CA PHE A 226 5.29 -2.95 -16.64
C PHE A 226 6.39 -2.27 -17.49
N GLN A 227 6.93 -3.02 -18.44
CA GLN A 227 7.80 -2.48 -19.50
C GLN A 227 7.02 -1.43 -20.26
N PRO A 228 7.71 -0.46 -20.88
CA PRO A 228 9.16 -0.40 -21.00
C PRO A 228 9.81 0.23 -19.77
N TRP A 229 11.08 -0.09 -19.58
CA TRP A 229 11.89 0.37 -18.48
C TRP A 229 11.89 1.89 -18.23
N PRO A 230 12.07 2.73 -19.29
CA PRO A 230 12.23 4.16 -18.97
C PRO A 230 11.07 4.74 -18.18
N THR A 231 9.84 4.23 -18.38
CA THR A 231 8.68 4.71 -17.60
C THR A 231 8.11 3.65 -16.63
N LEU A 232 8.94 2.70 -16.21
CA LEU A 232 8.52 1.58 -15.36
C LEU A 232 7.46 1.88 -14.29
N LEU A 233 7.71 2.81 -13.40
CA LEU A 233 6.77 3.08 -12.31
C LEU A 233 5.54 3.85 -12.78
N LYS A 234 5.74 4.69 -13.77
CA LYS A 234 4.67 5.40 -14.41
C LYS A 234 3.71 4.41 -15.04
N ASN A 235 4.24 3.40 -15.75
CA ASN A 235 3.39 2.37 -16.34
C ASN A 235 2.63 1.61 -15.29
N TRP A 236 3.29 1.31 -14.18
CA TRP A 236 2.63 0.61 -13.11
C TRP A 236 1.48 1.47 -12.54
N GLN A 237 1.72 2.77 -12.42
CA GLN A 237 0.73 3.68 -11.86
C GLN A 237 -0.51 3.79 -12.77
N LEU A 238 -0.28 3.90 -14.09
CA LEU A 238 -1.39 3.98 -15.05
C LEU A 238 -2.19 2.68 -15.23
N LEU A 239 -1.54 1.52 -15.13
CA LEU A 239 -2.20 0.25 -15.42
C LEU A 239 -2.72 -0.46 -14.20
N ALA A 240 -2.03 -0.33 -13.08
CA ALA A 240 -2.38 -1.13 -11.91
C ALA A 240 -2.92 -0.30 -10.73
N VAL A 241 -2.67 1.01 -10.73
CA VAL A 241 -3.14 1.83 -9.63
C VAL A 241 -4.36 2.59 -10.09
N ASN A 242 -4.27 3.23 -11.25
CA ASN A 242 -5.31 4.20 -11.70
C ASN A 242 -6.24 3.72 -12.81
N HIS A 243 -6.29 2.43 -13.12
CA HIS A 243 -7.04 1.95 -14.28
C HIS A 243 -8.14 1.00 -13.83
N PRO A 244 -9.41 1.33 -14.13
CA PRO A 244 -10.50 0.48 -13.59
C PRO A 244 -10.58 -0.87 -14.32
N GLY A 245 -9.87 -1.00 -15.43
CA GLY A 245 -9.81 -2.28 -16.17
C GLY A 245 -8.99 -3.36 -15.47
N TYR A 246 -8.16 -2.97 -14.50
CA TYR A 246 -7.22 -3.88 -13.85
C TYR A 246 -7.85 -4.76 -12.81
N MET A 247 -7.70 -6.08 -12.97
CA MET A 247 -8.30 -7.01 -11.99
C MET A 247 -7.32 -7.76 -11.11
N ALA A 248 -6.03 -7.46 -11.21
CA ALA A 248 -4.99 -8.25 -10.55
C ALA A 248 -5.20 -9.73 -10.90
N PHE A 249 -5.02 -10.64 -9.94
CA PHE A 249 -5.12 -12.08 -10.20
C PHE A 249 -6.54 -12.59 -10.29
N LEU A 250 -6.92 -12.96 -11.48
CA LEU A 250 -8.15 -13.66 -11.73
C LEU A 250 -7.86 -14.94 -12.49
N THR A 251 -8.81 -15.82 -12.33
CA THR A 251 -8.96 -17.00 -13.12
C THR A 251 -9.75 -16.69 -14.45
N TYR A 252 -9.65 -17.57 -15.44
CA TYR A 252 -10.51 -17.47 -16.63
C TYR A 252 -12.02 -17.45 -16.28
N ASP A 253 -12.42 -18.31 -15.35
CA ASP A 253 -13.83 -18.40 -14.97
C ASP A 253 -14.37 -17.15 -14.30
N GLU A 254 -13.51 -16.50 -13.52
CA GLU A 254 -13.86 -15.30 -12.80
C GLU A 254 -14.02 -14.10 -13.71
N VAL A 255 -13.17 -14.03 -14.74
CA VAL A 255 -13.26 -13.02 -15.77
C VAL A 255 -14.56 -13.20 -16.56
N GLN A 256 -14.89 -14.44 -16.89
CA GLN A 256 -16.19 -14.76 -17.49
C GLN A 256 -17.39 -14.29 -16.66
N GLU A 257 -17.36 -14.62 -15.38
CA GLU A 257 -18.37 -14.25 -14.42
C GLU A 257 -18.50 -12.72 -14.38
N ARG A 258 -17.37 -12.02 -14.26
CA ARG A 258 -17.35 -10.59 -14.12
C ARG A 258 -17.94 -9.89 -15.34
N LEU A 259 -17.59 -10.38 -16.52
CA LEU A 259 -18.04 -9.74 -17.77
C LEU A 259 -19.45 -10.11 -18.25
N GLN A 260 -20.16 -10.94 -17.48
CA GLN A 260 -21.55 -11.36 -17.83
C GLN A 260 -22.51 -10.16 -17.87
N ALA A 261 -22.38 -9.29 -16.86
CA ALA A 261 -23.20 -8.08 -16.76
C ALA A 261 -22.85 -6.99 -17.80
N CYS A 262 -21.90 -7.27 -18.68
CA CYS A 262 -21.51 -6.32 -19.70
C CYS A 262 -21.76 -6.90 -21.08
N ARG A 263 -22.38 -8.06 -21.15
CA ARG A 263 -22.54 -8.78 -22.43
C ARG A 263 -23.30 -8.00 -23.51
N ASP A 264 -24.19 -7.09 -23.11
CA ASP A 264 -24.88 -6.25 -24.11
C ASP A 264 -24.12 -4.94 -24.35
N LYS A 265 -22.83 -4.94 -24.04
CA LYS A 265 -21.98 -3.77 -24.24
C LYS A 265 -20.62 -4.16 -24.85
N PRO A 266 -20.59 -4.43 -26.17
CA PRO A 266 -19.37 -4.81 -26.85
C PRO A 266 -18.31 -3.74 -26.66
N GLY A 267 -17.05 -4.14 -26.47
CA GLY A 267 -15.97 -3.19 -26.23
C GLY A 267 -15.64 -3.13 -24.75
N SER A 268 -16.59 -3.52 -23.90
CA SER A 268 -16.33 -3.81 -22.49
C SER A 268 -15.10 -4.73 -22.37
N TYR A 269 -14.17 -4.39 -21.50
CA TYR A 269 -12.99 -5.23 -21.36
C TYR A 269 -12.37 -5.09 -19.98
N ILE A 270 -11.47 -6.01 -19.71
CA ILE A 270 -10.79 -6.05 -18.45
C ILE A 270 -9.41 -6.65 -18.73
N PHE A 271 -8.47 -6.49 -17.82
CA PHE A 271 -7.18 -7.19 -17.95
C PHE A 271 -6.69 -7.70 -16.59
N ARG A 272 -6.03 -8.85 -16.61
CA ARG A 272 -5.78 -9.57 -15.39
C ARG A 272 -4.42 -10.25 -15.44
N LEU A 273 -3.96 -10.69 -14.28
CA LEU A 273 -2.77 -11.48 -14.14
C LEU A 273 -3.19 -12.91 -13.90
N SER A 274 -2.25 -13.82 -14.05
CA SER A 274 -2.52 -15.26 -14.07
C SER A 274 -1.43 -16.01 -13.31
N CYS A 275 -1.82 -16.81 -12.32
CA CYS A 275 -0.89 -17.65 -11.53
C CYS A 275 0.10 -18.51 -12.29
N THR A 276 -0.35 -19.17 -13.36
CA THR A 276 0.45 -20.17 -14.05
C THR A 276 1.11 -19.49 -15.20
N ARG A 277 0.83 -18.21 -15.41
CA ARG A 277 1.58 -17.47 -16.44
C ARG A 277 2.16 -16.17 -15.88
N LEU A 278 3.01 -16.27 -14.86
CA LEU A 278 3.54 -15.09 -14.25
C LEU A 278 4.31 -14.24 -15.27
N GLY A 279 4.14 -12.92 -15.15
CA GLY A 279 4.84 -11.98 -16.02
C GLY A 279 4.09 -11.68 -17.31
N GLN A 280 2.95 -12.35 -17.58
CA GLN A 280 2.13 -11.97 -18.74
C GLN A 280 0.71 -11.52 -18.36
N TRP A 281 0.15 -10.67 -19.19
CA TRP A 281 -1.25 -10.25 -19.13
C TRP A 281 -2.20 -11.14 -19.92
N ALA A 282 -3.49 -10.99 -19.60
CA ALA A 282 -4.58 -11.54 -20.39
C ALA A 282 -5.66 -10.48 -20.39
N ILE A 283 -6.31 -10.30 -21.52
CA ILE A 283 -7.39 -9.35 -21.67
C ILE A 283 -8.65 -10.17 -21.96
N GLY A 284 -9.69 -9.91 -21.17
CA GLY A 284 -11.02 -10.44 -21.43
C GLY A 284 -11.88 -9.33 -22.01
N TYR A 285 -12.62 -9.61 -23.09
CA TYR A 285 -13.41 -8.58 -23.73
C TYR A 285 -14.65 -9.13 -24.41
N VAL A 286 -15.65 -8.25 -24.51
CA VAL A 286 -16.92 -8.54 -25.15
C VAL A 286 -16.81 -8.16 -26.62
N SER A 287 -16.92 -9.16 -27.49
CA SER A 287 -16.97 -8.91 -28.94
C SER A 287 -18.37 -8.45 -29.35
N SER A 288 -18.53 -8.07 -30.63
CA SER A 288 -19.84 -7.59 -31.13
C SER A 288 -20.97 -8.61 -30.95
N ASP A 289 -20.64 -9.90 -31.09
CA ASP A 289 -21.56 -11.02 -30.80
C ASP A 289 -22.08 -11.05 -29.35
N GLY A 290 -21.39 -10.39 -28.45
CA GLY A 290 -21.72 -10.50 -27.02
C GLY A 290 -21.02 -11.64 -26.30
N SER A 291 -20.11 -12.33 -26.98
CA SER A 291 -19.34 -13.41 -26.32
C SER A 291 -18.00 -12.91 -25.76
N ILE A 292 -17.61 -13.50 -24.63
CA ILE A 292 -16.43 -13.12 -23.88
C ILE A 292 -15.18 -13.84 -24.42
N LEU A 293 -14.30 -13.11 -25.09
CA LEU A 293 -13.03 -13.68 -25.53
C LEU A 293 -11.85 -13.21 -24.69
N GLN A 294 -10.73 -13.90 -24.83
CA GLN A 294 -9.51 -13.66 -24.07
C GLN A 294 -8.36 -13.54 -25.05
N THR A 295 -7.55 -12.49 -24.93
CA THR A 295 -6.29 -12.36 -25.70
C THR A 295 -5.09 -12.42 -24.77
N ILE A 296 -4.02 -13.08 -25.20
CA ILE A 296 -2.76 -12.97 -24.46
C ILE A 296 -1.77 -12.11 -25.27
N PRO A 297 -1.49 -10.89 -24.77
CA PRO A 297 -0.58 -9.95 -25.45
C PRO A 297 0.83 -10.49 -25.58
N ALA A 298 1.48 -10.19 -26.70
CA ALA A 298 2.89 -10.50 -26.92
C ALA A 298 3.83 -9.87 -25.87
N ASN A 299 5.11 -10.26 -25.88
CA ASN A 299 6.12 -9.67 -25.00
C ASN A 299 6.39 -8.21 -25.45
N LYS A 300 5.46 -7.34 -25.09
CA LYS A 300 5.44 -5.93 -25.52
C LYS A 300 4.55 -5.13 -24.55
N PRO A 301 4.73 -3.80 -24.49
CA PRO A 301 4.04 -3.00 -23.47
C PRO A 301 2.53 -3.12 -23.54
N LEU A 302 1.90 -3.31 -22.38
CA LEU A 302 0.47 -3.44 -22.30
C LEU A 302 -0.28 -2.20 -22.81
N SER A 303 0.29 -1.02 -22.56
CA SER A 303 -0.42 0.20 -22.96
C SER A 303 -0.51 0.30 -24.49
N GLN A 304 0.48 -0.26 -25.18
CA GLN A 304 0.49 -0.30 -26.65
C GLN A 304 -0.63 -1.20 -27.15
N VAL A 305 -0.73 -2.39 -26.55
CA VAL A 305 -1.79 -3.34 -26.88
C VAL A 305 -3.17 -2.72 -26.66
N LEU A 306 -3.31 -1.93 -25.62
CA LEU A 306 -4.60 -1.35 -25.28
C LEU A 306 -4.95 -0.16 -26.19
N LEU A 307 -3.94 0.62 -26.57
CA LEU A 307 -4.16 1.75 -27.47
C LEU A 307 -4.57 1.22 -28.86
N GLU A 308 -3.81 0.24 -29.35
CA GLU A 308 -4.16 -0.43 -30.60
C GLU A 308 -5.52 -1.10 -30.59
N GLY A 309 -5.91 -1.64 -29.45
CA GLY A 309 -7.24 -2.21 -29.29
C GLY A 309 -8.33 -1.18 -29.11
N GLN A 310 -7.96 0.02 -28.68
CA GLN A 310 -8.92 1.11 -28.54
C GLN A 310 -9.17 1.65 -29.95
N LYS A 311 -8.11 1.77 -30.73
CA LYS A 311 -8.24 2.30 -32.08
C LYS A 311 -8.93 1.33 -33.03
N ASP A 312 -9.01 0.06 -32.64
CA ASP A 312 -9.68 -0.95 -33.44
C ASP A 312 -11.13 -1.17 -33.03
N GLY A 313 -11.54 -0.61 -31.89
CA GLY A 313 -12.90 -0.83 -31.38
C GLY A 313 -13.11 -1.99 -30.42
N PHE A 314 -12.03 -2.73 -30.09
CA PHE A 314 -12.16 -3.88 -29.20
C PHE A 314 -12.15 -3.54 -27.71
N TYR A 315 -11.29 -2.60 -27.30
CA TYR A 315 -11.15 -2.25 -25.89
C TYR A 315 -11.57 -0.82 -25.65
N LEU A 316 -12.83 -0.63 -25.23
CA LEU A 316 -13.43 0.71 -25.10
C LEU A 316 -14.00 1.01 -23.71
N TYR A 317 -14.47 -0.02 -23.01
CA TYR A 317 -15.19 0.16 -21.75
C TYR A 317 -14.63 -0.64 -20.55
N PRO A 318 -13.60 -0.10 -19.88
CA PRO A 318 -12.96 -0.85 -18.79
C PRO A 318 -13.98 -1.23 -17.73
N ASP A 319 -14.11 -2.54 -17.48
CA ASP A 319 -15.08 -3.06 -16.51
C ASP A 319 -16.51 -2.63 -16.83
N GLY A 320 -16.80 -2.34 -18.08
CA GLY A 320 -18.12 -1.85 -18.44
C GLY A 320 -18.28 -0.33 -18.39
N LYS A 321 -17.40 0.35 -17.64
CA LYS A 321 -17.45 1.80 -17.44
C LYS A 321 -17.21 2.58 -18.73
N THR A 322 -17.83 3.76 -18.80
CA THR A 322 -17.81 4.60 -19.99
C THR A 322 -16.46 5.25 -20.20
N HIS A 323 -15.83 5.65 -19.09
CA HIS A 323 -14.55 6.35 -19.22
C HIS A 323 -13.35 5.40 -19.40
N ASN A 324 -12.74 5.49 -20.58
CA ASN A 324 -11.51 4.78 -20.89
C ASN A 324 -10.22 5.66 -20.77
N PRO A 325 -9.39 5.39 -19.73
CA PRO A 325 -8.25 6.28 -19.44
C PRO A 325 -7.41 6.56 -20.68
N ASP A 326 -6.99 7.80 -20.82
CA ASP A 326 -6.11 8.17 -21.94
C ASP A 326 -4.70 7.69 -21.59
N LEU A 327 -4.14 6.83 -22.43
CA LEU A 327 -2.82 6.25 -22.20
C LEU A 327 -1.72 6.83 -23.10
N THR A 328 -2.08 7.79 -23.96
CA THR A 328 -1.16 8.33 -25.00
C THR A 328 0.13 8.94 -24.45
N TRP B 20 8.42 -8.68 27.23
CA TRP B 20 9.85 -9.15 27.14
C TRP B 20 10.44 -8.84 25.76
N GLU B 21 9.81 -9.43 24.76
CA GLU B 21 10.05 -9.11 23.37
C GLU B 21 9.73 -7.63 23.09
N GLU B 22 8.60 -7.17 23.65
CA GLU B 22 8.15 -5.79 23.57
C GLU B 22 9.18 -4.82 24.18
N ALA B 23 9.60 -5.07 25.42
CA ALA B 23 10.59 -4.21 26.09
C ALA B 23 11.89 -4.12 25.27
N ARG B 24 12.34 -5.25 24.74
CA ARG B 24 13.52 -5.28 23.89
C ARG B 24 13.32 -4.45 22.61
N ALA B 25 12.21 -4.65 21.91
CA ALA B 25 11.90 -3.87 20.70
C ALA B 25 11.73 -2.38 20.99
N LEU B 26 11.19 -2.05 22.17
CA LEU B 26 11.12 -0.64 22.58
C LEU B 26 12.51 -0.05 22.73
N GLY B 27 13.41 -0.81 23.37
CA GLY B 27 14.82 -0.44 23.53
C GLY B 27 15.49 -0.18 22.19
N ARG B 28 15.44 -1.16 21.29
CA ARG B 28 16.03 -0.97 19.95
C ARG B 28 15.52 0.33 19.28
N ALA B 29 14.19 0.49 19.27
CA ALA B 29 13.54 1.69 18.70
C ALA B 29 14.11 3.01 19.17
N VAL B 30 14.33 3.17 20.48
CA VAL B 30 14.80 4.43 21.03
C VAL B 30 16.26 4.68 20.62
N ARG B 31 17.08 3.63 20.70
CA ARG B 31 18.50 3.73 20.28
C ARG B 31 18.58 4.04 18.78
N MET B 32 17.68 3.43 18.01
CA MET B 32 17.55 3.74 16.60
C MET B 32 17.18 5.21 16.32
N LEU B 33 16.32 5.79 17.15
CA LEU B 33 15.94 7.20 16.96
C LEU B 33 17.05 8.18 17.34
N GLN B 34 17.70 7.97 18.49
CA GLN B 34 18.86 8.78 18.89
C GLN B 34 19.92 8.79 17.80
N ARG B 35 20.19 7.60 17.24
CA ARG B 35 21.12 7.44 16.12
C ARG B 35 20.67 8.20 14.87
N LEU B 36 19.39 8.15 14.58
CA LEU B 36 18.87 8.84 13.40
C LEU B 36 18.94 10.33 13.63
N GLU B 37 18.86 10.73 14.91
CA GLU B 37 18.95 12.14 15.27
C GLU B 37 20.35 12.68 14.97
N GLU B 38 21.38 11.95 15.42
CA GLU B 38 22.79 12.30 15.13
C GLU B 38 23.00 12.56 13.64
N GLN B 39 22.39 11.72 12.82
CA GLN B 39 22.55 11.78 11.39
C GLN B 39 21.82 12.97 10.71
N CYS B 40 21.05 13.73 11.47
CA CYS B 40 20.37 14.91 10.95
C CYS B 40 21.16 16.21 11.24
N VAL B 41 22.23 16.40 10.47
CA VAL B 41 23.19 17.48 10.68
C VAL B 41 23.01 18.64 9.69
N SER B 48 13.23 23.19 10.12
CA SER B 48 12.01 23.82 9.62
C SER B 48 10.87 22.79 9.50
N PRO B 49 9.61 23.23 9.72
CA PRO B 49 8.51 22.33 10.07
C PRO B 49 7.71 21.69 8.90
N PRO B 50 7.23 20.44 9.10
CA PRO B 50 7.54 19.62 10.27
C PRO B 50 8.98 19.12 10.22
N SER B 51 9.70 19.26 11.31
CA SER B 51 11.13 18.97 11.29
C SER B 51 11.49 17.70 12.03
N LEU B 52 12.35 16.89 11.41
CA LEU B 52 12.80 15.63 12.01
C LEU B 52 13.65 15.85 13.25
N ARG B 53 14.34 17.01 13.29
CA ARG B 53 15.16 17.42 14.43
C ARG B 53 14.29 17.70 15.66
N ASP B 54 13.07 18.20 15.44
CA ASP B 54 12.10 18.36 16.51
C ASP B 54 11.35 17.05 16.86
N LEU B 55 10.99 16.26 15.84
CA LEU B 55 10.17 15.04 16.03
C LEU B 55 10.90 13.81 16.60
N LEU B 56 12.13 13.57 16.14
CA LEU B 56 12.88 12.38 16.54
C LEU B 56 13.11 12.28 18.05
N PRO B 57 13.60 13.35 18.70
CA PRO B 57 13.74 13.18 20.15
C PRO B 57 12.41 13.14 20.92
N ARG B 58 11.38 13.84 20.44
CA ARG B 58 10.06 13.80 21.08
C ARG B 58 9.48 12.36 21.05
N THR B 59 9.69 11.68 19.92
CA THR B 59 9.19 10.31 19.77
C THR B 59 10.01 9.34 20.58
N ALA B 60 11.33 9.56 20.64
CA ALA B 60 12.21 8.79 21.51
C ALA B 60 11.78 8.97 22.97
N GLN B 61 11.56 10.20 23.38
CA GLN B 61 11.08 10.43 24.75
C GLN B 61 9.74 9.71 25.05
N LEU B 62 8.75 9.87 24.16
CA LEU B 62 7.47 9.15 24.36
C LEU B 62 7.65 7.62 24.47
N LEU B 63 8.54 7.04 23.67
CA LEU B 63 8.77 5.60 23.72
C LEU B 63 9.42 5.12 25.02
N ARG B 64 10.28 5.95 25.61
CA ARG B 64 10.80 5.65 26.95
C ARG B 64 9.67 5.67 27.97
N GLU B 65 8.85 6.72 27.97
CA GLU B 65 7.63 6.76 28.80
C GLU B 65 6.72 5.54 28.63
N VAL B 66 6.53 5.11 27.38
CA VAL B 66 5.79 3.89 27.09
C VAL B 66 6.50 2.67 27.72
N ALA B 67 7.80 2.53 27.45
CA ALA B 67 8.61 1.40 27.97
C ALA B 67 8.51 1.32 29.48
N HIS B 68 8.51 2.48 30.11
CA HIS B 68 8.50 2.59 31.56
C HIS B 68 7.15 2.19 32.11
N SER B 69 6.10 2.78 31.54
CA SER B 69 4.76 2.49 31.95
C SER B 69 4.34 1.03 31.77
N ARG B 70 5.02 0.30 30.89
CA ARG B 70 4.65 -1.11 30.67
C ARG B 70 5.29 -2.00 31.72
N ARG B 71 6.20 -1.44 32.55
CA ARG B 71 6.65 -2.15 33.78
C ARG B 71 5.64 -1.91 34.94
N ALA B 72 4.62 -2.77 35.01
CA ALA B 72 3.44 -2.52 35.83
C ALA B 72 3.69 -2.69 37.33
N PRO B 78 -0.95 -6.42 27.67
CA PRO B 78 -0.76 -7.00 26.34
C PRO B 78 -2.01 -6.97 25.46
N GLY B 79 -3.19 -7.12 26.08
CA GLY B 79 -4.47 -7.20 25.38
C GLY B 79 -4.58 -8.40 24.45
N GLY B 80 -5.67 -8.44 23.69
CA GLY B 80 -5.88 -9.52 22.73
C GLY B 80 -5.32 -9.12 21.37
N PRO B 81 -5.70 -9.86 20.29
CA PRO B 81 -5.24 -9.40 18.97
C PRO B 81 -5.72 -7.95 18.76
N GLY B 82 -4.91 -7.14 18.11
CA GLY B 82 -5.26 -5.75 17.87
C GLY B 82 -5.28 -4.90 19.14
N GLY B 83 -4.77 -5.46 20.24
CA GLY B 83 -4.66 -4.72 21.51
C GLY B 83 -3.31 -4.01 21.59
N SER B 84 -2.93 -3.55 22.78
CA SER B 84 -1.74 -2.69 22.94
C SER B 84 -0.43 -3.31 22.47
N GLY B 85 -0.29 -4.62 22.68
CA GLY B 85 0.91 -5.35 22.28
C GLY B 85 1.06 -5.51 20.76
N ASP B 86 0.00 -5.94 20.09
CA ASP B 86 0.00 -6.03 18.63
C ASP B 86 0.20 -4.67 18.01
N PHE B 87 -0.45 -3.66 18.58
CA PHE B 87 -0.21 -2.32 18.09
C PHE B 87 1.30 -2.01 18.14
N LEU B 88 1.91 -2.21 19.31
CA LEU B 88 3.31 -1.80 19.50
C LEU B 88 4.18 -2.48 18.51
N LEU B 89 3.88 -3.77 18.26
CA LEU B 89 4.66 -4.55 17.32
C LEU B 89 4.61 -4.00 15.90
N ILE B 90 3.40 -3.74 15.41
CA ILE B 90 3.21 -3.12 14.12
C ILE B 90 3.84 -1.70 14.07
N TYR B 91 3.59 -0.91 15.13
CA TYR B 91 4.12 0.43 15.20
C TYR B 91 5.63 0.45 15.10
N LEU B 92 6.29 -0.43 15.85
CA LEU B 92 7.75 -0.50 15.89
C LEU B 92 8.38 -1.00 14.59
N ALA B 93 7.85 -2.06 13.99
CA ALA B 93 8.36 -2.46 12.67
C ALA B 93 8.16 -1.30 11.64
N ASN B 94 7.00 -0.63 11.68
CA ASN B 94 6.79 0.47 10.75
C ASN B 94 7.80 1.60 10.98
N LEU B 95 7.98 1.94 12.25
CA LEU B 95 8.96 2.93 12.64
C LEU B 95 10.37 2.56 12.13
N GLU B 96 10.72 1.28 12.21
CA GLU B 96 11.98 0.76 11.66
C GLU B 96 12.07 1.01 10.17
N ALA B 97 11.10 0.47 9.42
CA ALA B 97 11.11 0.62 7.97
C ALA B 97 11.26 2.07 7.51
N LYS B 98 10.52 2.99 8.13
CA LYS B 98 10.57 4.41 7.74
C LYS B 98 11.89 5.07 8.17
N SER B 99 12.49 4.60 9.25
CA SER B 99 13.81 5.08 9.67
C SER B 99 14.90 4.74 8.64
N ARG B 100 14.88 3.52 8.10
CA ARG B 100 15.79 3.09 7.05
C ARG B 100 15.61 3.93 5.80
N GLN B 101 14.38 4.33 5.52
CA GLN B 101 14.13 5.19 4.37
C GLN B 101 14.74 6.56 4.55
N VAL B 102 14.75 7.06 5.78
CA VAL B 102 15.33 8.39 6.04
C VAL B 102 16.84 8.29 5.95
N ALA B 103 17.38 7.22 6.55
CA ALA B 103 18.82 7.00 6.64
C ALA B 103 19.47 6.92 5.26
N ALA B 104 18.84 6.19 4.36
CA ALA B 104 19.33 6.06 3.01
C ALA B 104 19.07 7.31 2.15
N LEU B 105 19.14 8.49 2.78
CA LEU B 105 18.96 9.78 2.07
C LEU B 105 19.91 10.88 2.58
N ARG B 124 14.12 16.89 -5.15
CA ARG B 124 13.44 15.59 -5.15
C ARG B 124 13.97 14.65 -4.05
N LEU B 125 15.20 14.94 -3.59
CA LEU B 125 15.67 14.43 -2.31
C LEU B 125 14.94 15.12 -1.17
N ARG B 126 14.72 16.42 -1.32
CA ARG B 126 13.96 17.17 -0.34
C ARG B 126 12.45 16.91 -0.45
N ARG B 127 11.99 16.58 -1.65
CA ARG B 127 10.59 16.23 -1.86
C ARG B 127 10.28 14.99 -1.03
N GLN B 128 11.23 14.07 -0.95
CA GLN B 128 11.03 12.78 -0.30
C GLN B 128 11.32 12.83 1.20
N LEU B 129 12.20 13.73 1.61
CA LEU B 129 12.46 13.95 3.03
C LEU B 129 11.31 14.68 3.71
N ALA B 130 10.64 15.54 2.96
CA ALA B 130 9.52 16.30 3.49
C ALA B 130 8.36 15.37 3.77
N LYS B 131 8.22 14.38 2.86
CA LYS B 131 7.15 13.43 2.93
C LYS B 131 7.38 12.47 4.07
N LEU B 132 8.61 11.99 4.21
CA LEU B 132 8.99 11.18 5.36
C LEU B 132 8.79 11.91 6.71
N ALA B 133 9.02 13.22 6.72
CA ALA B 133 8.90 14.03 7.93
C ALA B 133 7.43 14.18 8.40
N ILE B 134 6.51 14.42 7.46
CA ILE B 134 5.10 14.35 7.72
C ILE B 134 4.67 12.97 8.28
N ILE B 135 5.17 11.88 7.69
CA ILE B 135 4.87 10.53 8.17
C ILE B 135 5.32 10.34 9.61
N PHE B 136 6.51 10.84 9.94
CA PHE B 136 7.03 10.77 11.32
C PHE B 136 6.17 11.62 12.25
N SER B 137 5.71 12.74 11.75
CA SER B 137 4.86 13.54 12.61
C SER B 137 3.55 12.74 12.88
N HIS B 138 2.98 12.13 11.84
CA HIS B 138 1.82 11.27 12.02
C HIS B 138 2.00 10.13 13.05
N MET B 139 3.16 9.45 13.00
CA MET B 139 3.47 8.33 13.91
C MET B 139 3.62 8.87 15.31
N HIS B 140 4.27 10.01 15.46
CA HIS B 140 4.34 10.58 16.77
C HIS B 140 2.92 10.85 17.32
N ALA B 141 2.03 11.41 16.49
CA ALA B 141 0.67 11.75 16.93
C ALA B 141 -0.14 10.52 17.35
N GLU B 142 -0.06 9.47 16.55
CA GLU B 142 -0.75 8.22 16.83
C GLU B 142 -0.22 7.60 18.13
N LEU B 143 1.10 7.53 18.29
CA LEU B 143 1.65 7.09 19.58
C LEU B 143 1.13 7.95 20.75
N HIS B 144 1.09 9.25 20.56
CA HIS B 144 0.63 10.13 21.62
C HIS B 144 -0.84 9.91 21.97
N ALA B 145 -1.68 9.71 20.95
CA ALA B 145 -3.11 9.51 21.19
C ALA B 145 -3.44 8.21 21.89
N LEU B 146 -2.68 7.14 21.64
CA LEU B 146 -3.00 5.83 22.20
C LEU B 146 -2.20 5.50 23.46
N PHE B 147 -1.11 6.24 23.72
CA PHE B 147 -0.36 6.10 24.97
C PHE B 147 -0.06 7.48 25.51
N PRO B 148 -1.10 8.24 25.90
CA PRO B 148 -0.84 9.53 26.51
C PRO B 148 -0.09 9.32 27.82
N GLY B 149 1.04 10.00 27.95
CA GLY B 149 1.90 9.81 29.11
C GLY B 149 2.54 8.44 29.18
N GLY B 150 2.59 7.69 28.06
CA GLY B 150 3.11 6.32 28.07
C GLY B 150 2.05 5.26 28.43
N LYS B 151 0.84 5.69 28.77
CA LYS B 151 -0.17 4.72 29.26
C LYS B 151 -1.25 4.36 28.24
N TYR B 152 -1.33 3.09 27.88
CA TYR B 152 -2.25 2.64 26.84
C TYR B 152 -3.70 2.98 27.16
N CYS B 153 -4.39 3.62 26.23
CA CYS B 153 -5.80 3.97 26.41
C CYS B 153 -6.68 3.51 25.23
N GLY B 154 -6.13 2.67 24.34
CA GLY B 154 -6.84 2.23 23.13
C GLY B 154 -8.12 1.42 23.36
N HIS B 155 -8.21 0.76 24.51
CA HIS B 155 -9.39 -0.03 24.86
C HIS B 155 -10.55 0.84 25.26
N MET B 156 -10.28 2.10 25.58
CA MET B 156 -11.35 3.00 26.00
C MET B 156 -11.33 4.30 25.27
N TYR B 157 -10.33 4.47 24.40
CA TYR B 157 -10.30 5.57 23.46
C TYR B 157 -11.70 5.78 22.91
N GLN B 158 -12.11 7.06 22.86
CA GLN B 158 -13.41 7.51 22.43
C GLN B 158 -13.38 8.35 21.16
N LEU B 159 -14.03 7.88 20.09
CA LEU B 159 -14.01 8.64 18.84
C LEU B 159 -14.82 9.91 19.01
N THR B 160 -14.43 10.95 18.30
CA THR B 160 -15.16 12.22 18.34
C THR B 160 -16.58 12.16 17.77
N LYS B 161 -16.76 11.47 16.64
CA LYS B 161 -18.10 11.35 16.06
C LYS B 161 -18.77 10.09 16.58
N ALA B 162 -19.93 10.24 17.20
CA ALA B 162 -20.62 9.10 17.84
C ALA B 162 -20.95 7.92 16.92
N PRO B 163 -21.39 8.17 15.66
CA PRO B 163 -21.59 7.02 14.77
C PRO B 163 -20.28 6.32 14.38
N ALA B 164 -19.18 7.06 14.28
CA ALA B 164 -17.89 6.44 14.00
C ALA B 164 -17.46 5.60 15.18
N HIS B 165 -17.62 6.17 16.38
CA HIS B 165 -17.36 5.46 17.63
C HIS B 165 -18.08 4.12 17.68
N THR B 166 -19.40 4.17 17.46
CA THR B 166 -20.24 2.96 17.43
C THR B 166 -19.78 1.99 16.33
N PHE B 167 -19.61 2.47 15.11
CA PHE B 167 -19.09 1.57 14.08
C PHE B 167 -17.83 0.80 14.51
N TRP B 168 -16.84 1.49 15.12
CA TRP B 168 -15.56 0.86 15.41
C TRP B 168 -15.65 -0.15 16.53
N ARG B 169 -16.33 0.23 17.59
CA ARG B 169 -16.47 -0.63 18.76
C ARG B 169 -17.35 -1.86 18.48
N GLU B 170 -18.40 -1.67 17.67
CA GLU B 170 -19.24 -2.80 17.23
C GLU B 170 -18.55 -3.72 16.25
N SER B 171 -17.62 -3.20 15.43
CA SER B 171 -16.90 -4.02 14.46
C SER B 171 -15.65 -4.66 15.04
N CYS B 172 -14.86 -3.88 15.78
CA CYS B 172 -13.55 -4.37 16.27
C CYS B 172 -13.46 -4.60 17.78
N GLY B 173 -14.52 -4.26 18.52
CA GLY B 173 -14.47 -4.33 19.97
C GLY B 173 -13.33 -3.53 20.56
N ALA B 174 -12.53 -4.14 21.42
CA ALA B 174 -11.47 -3.43 22.14
C ALA B 174 -10.24 -3.11 21.30
N ARG B 175 -10.07 -3.76 20.14
CA ARG B 175 -8.97 -3.52 19.22
C ARG B 175 -8.74 -2.03 18.87
N CYS B 176 -7.48 -1.57 19.00
CA CYS B 176 -7.11 -0.24 18.56
C CYS B 176 -6.53 -0.22 17.14
N VAL B 177 -6.26 -1.38 16.56
CA VAL B 177 -5.64 -1.46 15.25
C VAL B 177 -6.17 -2.65 14.45
N LEU B 178 -6.17 -2.54 13.12
CA LEU B 178 -6.71 -3.55 12.18
C LEU B 178 -5.93 -3.45 10.89
N PRO B 179 -5.57 -4.61 10.26
CA PRO B 179 -4.89 -4.59 8.96
C PRO B 179 -5.79 -3.96 7.93
N TRP B 180 -5.20 -3.39 6.88
CA TRP B 180 -6.02 -2.72 5.88
C TRP B 180 -7.18 -3.55 5.30
N ALA B 181 -6.90 -4.78 4.87
CA ALA B 181 -7.88 -5.64 4.20
C ALA B 181 -9.12 -5.87 5.04
N GLU B 182 -8.90 -6.25 6.31
CA GLU B 182 -10.02 -6.36 7.24
C GLU B 182 -10.76 -5.05 7.40
N PHE B 183 -10.03 -3.95 7.58
CA PHE B 183 -10.67 -2.64 7.76
C PHE B 183 -11.49 -2.26 6.53
N GLU B 184 -10.87 -2.34 5.36
CA GLU B 184 -11.58 -2.11 4.10
C GLU B 184 -12.85 -2.95 3.98
N SER B 185 -12.78 -4.23 4.33
CA SER B 185 -13.96 -5.08 4.29
C SER B 185 -15.05 -4.64 5.28
N LEU B 186 -14.67 -4.40 6.54
CA LEU B 186 -15.65 -3.97 7.55
C LEU B 186 -16.30 -2.66 7.15
N LEU B 187 -15.54 -1.78 6.52
CA LEU B 187 -16.10 -0.49 6.14
C LEU B 187 -17.10 -0.69 5.03
N GLY B 188 -16.76 -1.58 4.09
CA GLY B 188 -17.59 -1.88 2.92
C GLY B 188 -19.00 -2.40 3.22
N THR B 189 -19.20 -2.93 4.43
CA THR B 189 -20.52 -3.36 4.91
C THR B 189 -21.41 -2.16 5.20
N CYS B 190 -20.79 -0.98 5.29
CA CYS B 190 -21.49 0.22 5.74
C CYS B 190 -21.45 1.32 4.70
N HIS B 191 -20.34 1.38 3.98
CA HIS B 191 -20.11 2.35 2.92
C HIS B 191 -19.39 1.61 1.80
N PRO B 192 -20.09 1.36 0.68
CA PRO B 192 -19.51 0.66 -0.48
C PRO B 192 -18.21 1.30 -0.99
N THR B 198 -9.64 4.06 -6.43
CA THR B 198 -10.34 4.43 -5.21
C THR B 198 -9.54 3.95 -3.98
N ALA B 199 -9.62 2.65 -3.65
CA ALA B 199 -8.86 2.05 -2.50
C ALA B 199 -7.44 2.64 -2.26
N LEU B 200 -6.67 2.83 -3.31
CA LEU B 200 -5.34 3.37 -3.06
C LEU B 200 -5.28 4.85 -2.61
N ALA B 201 -6.16 5.66 -3.19
CA ALA B 201 -6.32 7.01 -2.70
C ALA B 201 -6.92 7.00 -1.27
N LEU B 202 -7.74 6.00 -0.96
CA LEU B 202 -8.38 5.89 0.34
C LEU B 202 -7.35 5.52 1.40
N ARG B 203 -6.42 4.62 1.05
CA ARG B 203 -5.34 4.22 1.93
C ARG B 203 -4.48 5.42 2.25
N THR B 204 -4.16 6.18 1.23
CA THR B 204 -3.36 7.38 1.38
C THR B 204 -4.05 8.40 2.32
N THR B 205 -5.36 8.56 2.18
CA THR B 205 -6.05 9.47 3.08
C THR B 205 -6.08 8.98 4.55
N ILE B 206 -6.31 7.67 4.75
CA ILE B 206 -6.62 7.09 6.07
C ILE B 206 -5.39 6.55 6.82
N ASP B 207 -4.57 5.78 6.13
CA ASP B 207 -3.38 5.17 6.72
C ASP B 207 -2.26 6.23 6.79
N LEU B 208 -2.33 7.13 7.77
CA LEU B 208 -1.39 8.26 7.86
C LEU B 208 0.01 7.80 8.11
N THR B 209 0.18 6.76 8.92
CA THR B 209 1.50 6.24 9.21
C THR B 209 2.06 5.35 8.06
N CYS B 210 1.23 5.08 7.06
CA CYS B 210 1.61 4.19 5.92
C CYS B 210 2.15 2.84 6.39
N SER B 211 1.38 2.14 7.23
CA SER B 211 1.87 0.88 7.82
C SER B 211 1.10 -0.32 7.30
N GLY B 212 0.14 -0.10 6.42
CA GLY B 212 -0.76 -1.20 6.04
C GLY B 212 -1.80 -1.55 7.13
N HIS B 213 -1.81 -0.82 8.24
CA HIS B 213 -2.84 -1.00 9.28
C HIS B 213 -3.55 0.32 9.59
N VAL B 214 -4.81 0.24 10.00
CA VAL B 214 -5.63 1.43 10.32
C VAL B 214 -5.88 1.31 11.82
N SER B 215 -5.43 2.32 12.55
CA SER B 215 -5.69 2.38 13.97
C SER B 215 -6.98 3.17 14.25
N ILE B 216 -7.44 3.02 15.49
CA ILE B 216 -8.62 3.74 15.99
C ILE B 216 -8.42 5.26 15.93
N PHE B 217 -7.19 5.69 16.18
CA PHE B 217 -6.81 7.09 15.97
C PHE B 217 -7.04 7.58 14.53
N GLU B 218 -6.42 6.91 13.55
CA GLU B 218 -6.60 7.25 12.12
C GLU B 218 -8.07 7.25 11.65
N PHE B 219 -8.86 6.33 12.18
CA PHE B 219 -10.30 6.29 11.86
C PHE B 219 -11.03 7.46 12.46
N ASP B 220 -10.61 7.86 13.65
CA ASP B 220 -11.10 9.09 14.29
C ASP B 220 -10.84 10.37 13.47
N VAL B 221 -9.60 10.57 13.05
CA VAL B 221 -9.20 11.68 12.20
C VAL B 221 -10.01 11.66 10.91
N PHE B 222 -10.07 10.51 10.27
CA PHE B 222 -10.80 10.37 9.02
C PHE B 222 -12.30 10.72 9.14
N THR B 223 -12.96 10.14 10.12
CA THR B 223 -14.42 10.40 10.31
C THR B 223 -14.73 11.83 10.74
N ARG B 224 -13.81 12.48 11.46
CA ARG B 224 -13.94 13.92 11.69
C ARG B 224 -13.82 14.75 10.44
N LEU B 225 -12.80 14.47 9.62
CA LEU B 225 -12.58 15.32 8.43
C LEU B 225 -13.73 15.17 7.48
N PHE B 226 -14.28 13.96 7.31
CA PHE B 226 -15.24 13.69 6.24
C PHE B 226 -16.69 13.41 6.69
N GLN B 227 -17.01 13.89 7.89
CA GLN B 227 -18.39 13.83 8.42
C GLN B 227 -19.23 14.65 7.49
N PRO B 228 -20.56 14.38 7.44
CA PRO B 228 -21.28 13.44 8.32
C PRO B 228 -21.21 11.98 7.86
N TRP B 229 -21.34 11.10 8.85
CA TRP B 229 -21.30 9.66 8.67
C TRP B 229 -22.13 9.12 7.47
N PRO B 230 -23.43 9.51 7.35
CA PRO B 230 -24.23 8.84 6.32
C PRO B 230 -23.63 8.92 4.92
N THR B 231 -22.98 10.04 4.57
CA THR B 231 -22.34 10.17 3.23
C THR B 231 -20.78 10.17 3.29
N LEU B 232 -20.22 9.55 4.33
CA LEU B 232 -18.78 9.55 4.60
C LEU B 232 -17.90 9.38 3.38
N LEU B 233 -18.07 8.33 2.59
CA LEU B 233 -17.21 8.14 1.42
C LEU B 233 -17.49 9.14 0.29
N LYS B 234 -18.75 9.51 0.15
CA LYS B 234 -19.16 10.50 -0.81
C LYS B 234 -18.47 11.86 -0.48
N ASN B 235 -18.53 12.26 0.79
CA ASN B 235 -17.82 13.47 1.25
C ASN B 235 -16.33 13.38 0.92
N TRP B 236 -15.75 12.22 1.14
CA TRP B 236 -14.33 12.09 0.86
C TRP B 236 -14.08 12.24 -0.65
N GLN B 237 -14.98 11.69 -1.45
CA GLN B 237 -14.85 11.75 -2.90
C GLN B 237 -15.00 13.17 -3.45
N LEU B 238 -16.00 13.90 -2.97
CA LEU B 238 -16.19 15.30 -3.38
C LEU B 238 -15.12 16.30 -2.90
N LEU B 239 -14.59 16.10 -1.70
CA LEU B 239 -13.68 17.09 -1.10
C LEU B 239 -12.21 16.79 -1.34
N ALA B 240 -11.84 15.51 -1.38
CA ALA B 240 -10.43 15.13 -1.45
C ALA B 240 -10.01 14.44 -2.75
N VAL B 241 -10.96 13.94 -3.54
CA VAL B 241 -10.61 13.31 -4.81
C VAL B 241 -10.94 14.26 -5.95
N ASN B 242 -12.15 14.83 -5.95
CA ASN B 242 -12.64 15.61 -7.12
C ASN B 242 -12.65 17.12 -6.96
N HIS B 243 -11.97 17.64 -5.93
CA HIS B 243 -12.04 19.08 -5.63
C HIS B 243 -10.70 19.74 -5.85
N PRO B 244 -10.62 20.70 -6.79
CA PRO B 244 -9.32 21.35 -7.00
C PRO B 244 -8.88 22.24 -5.82
N GLY B 245 -9.78 22.54 -4.89
CA GLY B 245 -9.41 23.29 -3.69
C GLY B 245 -8.50 22.55 -2.72
N TYR B 246 -8.49 21.22 -2.79
CA TYR B 246 -7.85 20.39 -1.81
C TYR B 246 -6.34 20.28 -1.99
N MET B 247 -5.61 20.49 -0.91
CA MET B 247 -4.15 20.55 -0.96
C MET B 247 -3.50 19.48 -0.09
N ALA B 248 -4.30 18.63 0.55
CA ALA B 248 -3.75 17.66 1.50
C ALA B 248 -2.96 18.41 2.56
N PHE B 249 -1.82 17.84 2.96
CA PHE B 249 -0.96 18.45 3.98
C PHE B 249 -0.03 19.55 3.45
N LEU B 250 -0.39 20.76 3.83
CA LEU B 250 0.37 21.98 3.67
C LEU B 250 0.61 22.69 5.02
N THR B 251 1.70 23.41 5.03
CA THR B 251 2.08 24.34 6.05
C THR B 251 1.37 25.71 5.84
N TYR B 252 1.29 26.55 6.87
CA TYR B 252 0.77 27.92 6.66
C TYR B 252 1.59 28.69 5.62
N ASP B 253 2.92 28.51 5.64
CA ASP B 253 3.76 29.22 4.69
C ASP B 253 3.52 28.80 3.24
N GLU B 254 3.33 27.51 3.00
CA GLU B 254 3.07 26.96 1.67
C GLU B 254 1.74 27.44 1.07
N VAL B 255 0.70 27.51 1.89
CA VAL B 255 -0.61 28.08 1.50
C VAL B 255 -0.46 29.56 1.07
N GLN B 256 0.34 30.32 1.82
CA GLN B 256 0.65 31.71 1.50
C GLN B 256 1.36 31.83 0.14
N GLU B 257 2.39 31.02 -0.02
CA GLU B 257 3.16 30.95 -1.23
C GLU B 257 2.22 30.60 -2.42
N ARG B 258 1.42 29.56 -2.25
CA ARG B 258 0.49 29.10 -3.28
C ARG B 258 -0.48 30.19 -3.70
N LEU B 259 -1.02 30.93 -2.75
CA LEU B 259 -2.08 31.89 -3.05
C LEU B 259 -1.59 33.27 -3.53
N GLN B 260 -0.26 33.43 -3.66
CA GLN B 260 0.36 34.72 -4.05
C GLN B 260 -0.06 35.10 -5.45
N ALA B 261 -0.09 34.11 -6.33
CA ALA B 261 -0.47 34.27 -7.74
C ALA B 261 -1.98 34.51 -7.92
N CYS B 262 -2.73 34.52 -6.82
CA CYS B 262 -4.17 34.74 -6.91
C CYS B 262 -4.56 35.99 -6.13
N ARG B 263 -3.57 36.80 -5.74
CA ARG B 263 -3.84 37.93 -4.86
C ARG B 263 -4.73 39.00 -5.47
N ASP B 264 -4.72 39.12 -6.79
CA ASP B 264 -5.63 40.04 -7.46
C ASP B 264 -6.94 39.36 -7.86
N LYS B 265 -7.28 38.29 -7.14
CA LYS B 265 -8.54 37.58 -7.37
C LYS B 265 -9.21 37.19 -6.06
N PRO B 266 -9.87 38.16 -5.40
CA PRO B 266 -10.53 37.91 -4.14
C PRO B 266 -11.54 36.77 -4.33
N GLY B 267 -11.66 35.90 -3.32
CA GLY B 267 -12.56 34.74 -3.43
C GLY B 267 -11.81 33.46 -3.80
N SER B 268 -10.59 33.62 -4.31
CA SER B 268 -9.68 32.51 -4.48
C SER B 268 -9.49 31.83 -3.13
N TYR B 269 -9.55 30.51 -3.09
CA TYR B 269 -9.36 29.83 -1.84
C TYR B 269 -8.89 28.41 -2.00
N ILE B 270 -8.49 27.84 -0.87
CA ILE B 270 -7.88 26.55 -0.84
C ILE B 270 -8.19 25.94 0.53
N PHE B 271 -8.12 24.61 0.65
CA PHE B 271 -8.22 24.02 1.99
C PHE B 271 -7.22 22.92 2.16
N ARG B 272 -6.79 22.73 3.40
CA ARG B 272 -5.63 21.90 3.65
C ARG B 272 -5.74 21.23 5.01
N LEU B 273 -4.89 20.23 5.19
CA LEU B 273 -4.73 19.45 6.41
C LEU B 273 -3.49 19.98 7.07
N SER B 274 -3.38 19.72 8.36
CA SER B 274 -2.29 20.24 9.17
C SER B 274 -1.74 19.17 10.13
N CYS B 275 -0.43 18.98 10.11
CA CYS B 275 0.22 17.96 10.94
C CYS B 275 -0.02 18.04 12.45
N THR B 276 -0.08 19.24 12.98
CA THR B 276 -0.19 19.39 14.43
C THR B 276 -1.67 19.54 14.74
N ARG B 277 -2.52 19.63 13.73
CA ARG B 277 -3.95 19.62 14.05
C ARG B 277 -4.72 18.48 13.35
N LEU B 278 -4.33 17.24 13.61
CA LEU B 278 -4.96 16.15 12.90
C LEU B 278 -6.49 16.18 13.15
N GLY B 279 -7.27 15.98 12.08
CA GLY B 279 -8.71 15.86 12.20
C GLY B 279 -9.41 17.17 11.98
N GLN B 280 -8.67 18.25 11.73
CA GLN B 280 -9.32 19.53 11.39
C GLN B 280 -8.78 20.10 10.11
N TRP B 281 -9.63 20.90 9.45
CA TRP B 281 -9.30 21.61 8.23
C TRP B 281 -8.81 23.03 8.49
N ALA B 282 -8.26 23.66 7.44
CA ALA B 282 -7.92 25.07 7.44
C ALA B 282 -8.20 25.56 6.05
N ILE B 283 -8.81 26.72 5.95
CA ILE B 283 -9.10 27.34 4.68
C ILE B 283 -8.23 28.59 4.53
N GLY B 284 -7.52 28.70 3.41
CA GLY B 284 -6.77 29.88 3.07
C GLY B 284 -7.54 30.59 2.00
N TYR B 285 -7.67 31.91 2.10
CA TYR B 285 -8.42 32.66 1.12
C TYR B 285 -7.94 34.09 0.91
N VAL B 286 -8.27 34.62 -0.27
CA VAL B 286 -7.97 35.99 -0.62
C VAL B 286 -9.20 36.83 -0.33
N SER B 287 -9.07 37.72 0.65
CA SER B 287 -10.12 38.70 0.97
C SER B 287 -10.14 39.79 -0.11
N SER B 288 -11.07 40.74 0.01
CA SER B 288 -11.17 41.86 -0.96
C SER B 288 -9.92 42.76 -0.97
N ASP B 289 -9.31 42.97 0.20
CA ASP B 289 -8.02 43.66 0.33
C ASP B 289 -6.91 43.02 -0.53
N GLY B 290 -7.06 41.74 -0.87
CA GLY B 290 -5.97 40.99 -1.53
C GLY B 290 -5.02 40.28 -0.58
N SER B 291 -5.32 40.29 0.71
CA SER B 291 -4.48 39.61 1.72
C SER B 291 -4.95 38.18 2.02
N ILE B 292 -4.00 37.30 2.30
CA ILE B 292 -4.26 35.89 2.47
C ILE B 292 -4.58 35.54 3.92
N LEU B 293 -5.86 35.28 4.22
CA LEU B 293 -6.26 34.86 5.58
C LEU B 293 -6.54 33.36 5.66
N GLN B 294 -6.60 32.87 6.88
CA GLN B 294 -6.81 31.47 7.20
C GLN B 294 -7.96 31.38 8.18
N THR B 295 -8.93 30.49 7.93
CA THR B 295 -10.00 30.12 8.88
C THR B 295 -9.87 28.65 9.30
N ILE B 296 -10.04 28.38 10.59
CA ILE B 296 -10.19 26.99 11.03
C ILE B 296 -11.66 26.69 11.33
N PRO B 297 -12.31 25.88 10.46
CA PRO B 297 -13.73 25.53 10.62
C PRO B 297 -14.03 24.76 11.91
N ALA B 298 -15.21 25.00 12.48
CA ALA B 298 -15.69 24.29 13.67
C ALA B 298 -15.88 22.78 13.39
N ASN B 299 -16.05 21.98 14.47
CA ASN B 299 -16.35 20.56 14.37
C ASN B 299 -17.71 20.31 13.68
N LYS B 300 -17.73 20.54 12.37
CA LYS B 300 -18.93 20.45 11.53
C LYS B 300 -18.47 20.11 10.09
N PRO B 301 -19.40 19.67 9.22
CA PRO B 301 -19.01 19.23 7.87
C PRO B 301 -18.36 20.33 7.03
N LEU B 302 -17.26 20.00 6.39
CA LEU B 302 -16.53 20.94 5.57
C LEU B 302 -17.35 21.51 4.41
N SER B 303 -18.22 20.68 3.85
CA SER B 303 -19.02 21.13 2.69
C SER B 303 -20.03 22.19 3.09
N GLN B 304 -20.44 22.18 4.35
CA GLN B 304 -21.35 23.18 4.89
C GLN B 304 -20.63 24.50 5.00
N VAL B 305 -19.44 24.47 5.62
CA VAL B 305 -18.60 25.64 5.72
C VAL B 305 -18.29 26.25 4.35
N LEU B 306 -18.03 25.41 3.36
CA LEU B 306 -17.74 25.89 2.02
C LEU B 306 -18.97 26.43 1.29
N LEU B 307 -20.15 25.86 1.55
CA LEU B 307 -21.39 26.37 0.95
C LEU B 307 -21.73 27.72 1.52
N GLU B 308 -21.67 27.85 2.85
CA GLU B 308 -21.90 29.13 3.49
C GLU B 308 -20.91 30.18 3.02
N GLY B 309 -19.65 29.79 2.86
CA GLY B 309 -18.61 30.69 2.40
C GLY B 309 -18.75 31.10 0.94
N GLN B 310 -19.41 30.24 0.17
CA GLN B 310 -19.69 30.55 -1.22
C GLN B 310 -20.84 31.56 -1.28
N LYS B 311 -21.83 31.34 -0.43
CA LYS B 311 -22.99 32.22 -0.39
C LYS B 311 -22.63 33.61 0.16
N ASP B 312 -21.54 33.70 0.92
CA ASP B 312 -21.09 34.94 1.51
C ASP B 312 -20.12 35.72 0.63
N GLY B 313 -19.62 35.07 -0.42
CA GLY B 313 -18.61 35.67 -1.29
C GLY B 313 -17.15 35.45 -0.91
N PHE B 314 -16.88 34.64 0.11
CA PHE B 314 -15.48 34.39 0.54
C PHE B 314 -14.79 33.26 -0.26
N TYR B 315 -15.52 32.18 -0.53
CA TYR B 315 -14.93 30.98 -1.17
C TYR B 315 -15.55 30.77 -2.54
N LEU B 316 -14.89 31.28 -3.57
CA LEU B 316 -15.46 31.28 -4.91
C LEU B 316 -14.58 30.60 -5.98
N TYR B 317 -13.27 30.69 -5.81
CA TYR B 317 -12.34 30.25 -6.85
C TYR B 317 -11.27 29.29 -6.32
N PRO B 318 -11.56 27.97 -6.39
CA PRO B 318 -10.67 26.97 -5.82
C PRO B 318 -9.36 26.94 -6.55
N ASP B 319 -8.28 27.23 -5.83
CA ASP B 319 -6.95 27.35 -6.39
C ASP B 319 -6.84 28.40 -7.51
N GLY B 320 -7.68 29.43 -7.45
CA GLY B 320 -7.66 30.47 -8.47
C GLY B 320 -8.59 30.18 -9.64
N LYS B 321 -8.98 28.91 -9.80
CA LYS B 321 -9.82 28.43 -10.92
C LYS B 321 -11.24 28.97 -10.90
N THR B 322 -11.81 29.16 -12.09
CA THR B 322 -13.15 29.76 -12.26
C THR B 322 -14.26 28.84 -11.81
N HIS B 323 -14.10 27.56 -12.11
CA HIS B 323 -15.13 26.60 -11.72
C HIS B 323 -15.09 26.19 -10.25
N ASN B 324 -16.16 26.53 -9.53
CA ASN B 324 -16.39 26.09 -8.17
C ASN B 324 -17.38 24.91 -8.06
N PRO B 325 -16.88 23.71 -7.69
CA PRO B 325 -17.73 22.52 -7.63
C PRO B 325 -19.01 22.74 -6.83
N ASP B 326 -20.13 22.27 -7.38
CA ASP B 326 -21.43 22.32 -6.72
C ASP B 326 -21.41 21.25 -5.63
N LEU B 327 -21.62 21.67 -4.40
CA LEU B 327 -21.61 20.75 -3.25
C LEU B 327 -23.00 20.48 -2.67
N THR B 328 -24.05 21.07 -3.27
CA THR B 328 -25.43 21.03 -2.73
C THR B 328 -26.02 19.62 -2.51
#